data_7OOW
#
_entry.id   7OOW
#
_cell.length_a   98.614
_cell.length_b   98.614
_cell.length_c   80.729
_cell.angle_alpha   90.000
_cell.angle_beta   90.000
_cell.angle_gamma   120.000
#
_symmetry.space_group_name_H-M   'P 65'
#
loop_
_entity.id
_entity.type
_entity.pdbx_description
1 polymer 'Serine/threonine-protein kinase pim-1'
2 polymer 'INHIBITOR ARC-1415'
3 non-polymer 'MAGNESIUM ION'
4 non-polymer 1,2-ETHANEDIOL
5 water water
#
loop_
_entity_poly.entity_id
_entity_poly.type
_entity_poly.pdbx_seq_one_letter_code
_entity_poly.pdbx_strand_id
1 'polypeptide(L)'
;SMLLSKINSLAHLRAAPCNDLHATKLAPGKEKEPLESQYQVGPLLGSGGFGSVYSGIRVSDNLPVAIKHVEKDRISDWGE
LPNGTRVPMEVVLLKKVSSGFSGVIRLLDWFERPDSFVLILERPEPVQDLFDFITERGALQEELARSFFWQVLEAVRHCH
NCGVLHRDIKDENILIDLNRGELKLIDFGSGALLKDTVYTDFDGTRVYSPPEWIRYHRYHGRSAAVWSLGILLYDMVCGD
IPFEHDEEIIGGQVFFRQRVSSECQHLIRWCLALRPSDRPTFEEIQNHPWMQDVLLPQETAEIHLHSLSPGPS
;
A
2 'polypeptide(D)' (6J9)(AZ1)(DAR)(DAR)(DAR)(DAR)(DAR)(DAR)(NH2) B
#
# COMPACT_ATOMS: atom_id res chain seq x y z
N PRO A 34 -7.56 29.75 -6.24
CA PRO A 34 -6.34 29.64 -5.42
C PRO A 34 -6.43 28.47 -4.42
N LEU A 35 -5.30 28.07 -3.84
CA LEU A 35 -5.16 26.86 -2.98
C LEU A 35 -5.29 27.25 -1.50
N GLU A 36 -4.66 28.36 -1.08
CA GLU A 36 -4.62 28.78 0.33
C GLU A 36 -6.03 29.23 0.78
N SER A 37 -6.90 29.56 -0.17
CA SER A 37 -8.30 30.01 0.11
C SER A 37 -9.25 28.79 0.19
N GLN A 38 -8.92 27.69 -0.49
CA GLN A 38 -9.79 26.50 -0.60
C GLN A 38 -9.60 25.53 0.57
N TYR A 39 -8.46 25.58 1.27
CA TYR A 39 -8.06 24.56 2.29
C TYR A 39 -7.50 25.25 3.54
N GLN A 40 -8.06 24.95 4.70
CA GLN A 40 -7.44 25.28 6.01
C GLN A 40 -6.38 24.24 6.33
N VAL A 41 -5.12 24.65 6.45
CA VAL A 41 -3.96 23.77 6.77
C VAL A 41 -3.90 23.51 8.28
N GLY A 42 -3.74 22.25 8.68
CA GLY A 42 -3.53 21.84 10.08
C GLY A 42 -2.12 21.34 10.31
N PRO A 43 -1.89 20.52 11.35
CA PRO A 43 -0.56 20.06 11.69
C PRO A 43 0.07 19.08 10.69
N LEU A 44 1.40 19.02 10.67
CA LEU A 44 2.19 18.02 9.92
C LEU A 44 1.79 16.61 10.38
N LEU A 45 1.47 15.73 9.45
CA LEU A 45 1.19 14.29 9.75
C LEU A 45 2.46 13.48 9.55
N GLY A 46 3.32 13.85 8.62
CA GLY A 46 4.55 13.08 8.36
C GLY A 46 5.33 13.64 7.22
N SER A 47 6.62 13.34 7.16
CA SER A 47 7.49 13.69 6.01
C SER A 47 8.55 12.60 5.82
N GLY A 48 9.04 12.48 4.61
CA GLY A 48 10.17 11.60 4.27
C GLY A 48 10.41 11.58 2.77
N GLY A 49 10.80 10.43 2.23
CA GLY A 49 11.01 10.24 0.78
C GLY A 49 9.82 10.70 -0.04
N PHE A 50 8.60 10.58 0.50
CA PHE A 50 7.35 10.88 -0.25
C PHE A 50 7.08 12.39 -0.31
N GLY A 51 7.77 13.21 0.50
CA GLY A 51 7.48 14.67 0.64
C GLY A 51 7.00 15.00 2.05
N SER A 52 6.13 16.01 2.19
CA SER A 52 5.61 16.47 3.50
C SER A 52 4.10 16.45 3.43
N VAL A 53 3.44 15.84 4.38
CA VAL A 53 1.97 15.69 4.38
C VAL A 53 1.39 16.40 5.60
N TYR A 54 0.35 17.19 5.40
CA TYR A 54 -0.36 17.98 6.45
C TYR A 54 -1.79 17.55 6.54
N SER A 55 -2.32 17.57 7.74
CA SER A 55 -3.79 17.51 7.97
C SER A 55 -4.38 18.79 7.45
N GLY A 56 -5.60 18.74 6.98
CA GLY A 56 -6.30 19.90 6.44
C GLY A 56 -7.80 19.67 6.35
N ILE A 57 -8.51 20.75 6.07
CA ILE A 57 -9.99 20.83 5.94
C ILE A 57 -10.29 21.61 4.66
N ARG A 58 -11.15 21.09 3.81
CA ARG A 58 -11.69 21.80 2.63
C ARG A 58 -12.75 22.80 3.15
N VAL A 59 -12.46 24.10 3.05
CA VAL A 59 -13.24 25.19 3.72
C VAL A 59 -14.71 25.14 3.28
N SER A 60 -14.99 24.81 2.02
CA SER A 60 -16.37 24.83 1.44
C SER A 60 -17.30 23.96 2.30
N ASP A 61 -16.94 22.70 2.55
CA ASP A 61 -17.86 21.68 3.14
C ASP A 61 -17.26 21.08 4.41
N ASN A 62 -16.11 21.57 4.87
CA ASN A 62 -15.36 21.05 6.06
C ASN A 62 -14.90 19.59 5.87
N LEU A 63 -14.72 19.11 4.64
CA LEU A 63 -14.26 17.71 4.41
C LEU A 63 -12.83 17.58 4.92
N PRO A 64 -12.51 16.56 5.75
CA PRO A 64 -11.12 16.28 6.09
C PRO A 64 -10.26 15.91 4.87
N VAL A 65 -9.08 16.49 4.75
CA VAL A 65 -8.14 16.20 3.64
C VAL A 65 -6.74 16.00 4.20
N ALA A 66 -5.88 15.42 3.38
CA ALA A 66 -4.43 15.42 3.56
C ALA A 66 -3.81 16.22 2.42
N ILE A 67 -2.90 17.11 2.75
CA ILE A 67 -2.24 18.03 1.81
C ILE A 67 -0.80 17.60 1.67
N LYS A 68 -0.43 17.07 0.51
CA LYS A 68 0.92 16.50 0.30
C LYS A 68 1.73 17.44 -0.60
N HIS A 69 2.91 17.83 -0.14
CA HIS A 69 3.84 18.70 -0.88
C HIS A 69 5.02 17.87 -1.36
N VAL A 70 5.35 17.97 -2.64
CA VAL A 70 6.55 17.29 -3.20
C VAL A 70 7.39 18.31 -3.97
N GLU A 71 8.67 18.37 -3.65
CA GLU A 71 9.64 19.30 -4.27
C GLU A 71 9.94 18.76 -5.68
N LYS A 72 9.82 19.60 -6.70
CA LYS A 72 10.05 19.23 -8.13
C LYS A 72 11.41 18.54 -8.31
N ASP A 73 12.43 18.89 -7.53
CA ASP A 73 13.79 18.27 -7.59
C ASP A 73 13.78 16.80 -7.21
N ARG A 74 12.85 16.36 -6.38
CA ARG A 74 12.85 14.99 -5.83
C ARG A 74 12.07 14.06 -6.77
N ILE A 75 11.49 14.57 -7.85
CA ILE A 75 10.64 13.75 -8.75
C ILE A 75 11.47 13.29 -9.94
N SER A 76 11.76 11.99 -10.03
CA SER A 76 12.51 11.35 -11.14
C SER A 76 11.53 10.98 -12.27
N ASP A 77 10.28 10.62 -11.91
CA ASP A 77 9.31 9.99 -12.83
C ASP A 77 8.18 10.96 -13.14
N TRP A 78 8.02 11.29 -14.43
CA TRP A 78 7.02 12.24 -14.95
C TRP A 78 6.10 11.52 -15.90
N GLY A 79 4.89 12.03 -16.08
CA GLY A 79 3.92 11.48 -17.03
C GLY A 79 3.11 12.58 -17.65
N GLU A 80 2.10 12.19 -18.44
CA GLU A 80 1.13 13.10 -19.09
C GLU A 80 -0.27 12.61 -18.75
N LEU A 81 -1.18 13.56 -18.50
CA LEU A 81 -2.62 13.28 -18.30
C LEU A 81 -3.25 12.98 -19.65
N PRO A 82 -4.44 12.34 -19.69
CA PRO A 82 -5.33 12.45 -20.85
C PRO A 82 -5.32 13.89 -21.40
N ASN A 83 -5.20 14.87 -20.50
CA ASN A 83 -4.97 16.33 -20.78
C ASN A 83 -3.80 16.52 -21.76
N GLY A 84 -2.72 15.76 -21.60
CA GLY A 84 -1.43 15.97 -22.29
C GLY A 84 -0.52 16.93 -21.54
N THR A 85 -0.76 17.12 -20.23
CA THR A 85 0.00 18.04 -19.34
C THR A 85 1.06 17.25 -18.57
N ARG A 86 2.22 17.87 -18.30
CA ARG A 86 3.39 17.22 -17.64
C ARG A 86 3.19 17.26 -16.11
N VAL A 87 3.17 16.08 -15.47
CA VAL A 87 2.92 15.97 -14.00
C VAL A 87 3.79 14.85 -13.43
N PRO A 88 3.97 14.82 -12.10
CA PRO A 88 4.57 13.66 -11.46
C PRO A 88 3.78 12.39 -11.82
N MET A 89 4.47 11.28 -12.05
CA MET A 89 3.87 9.94 -12.25
C MET A 89 2.84 9.68 -11.13
N GLU A 90 3.10 10.15 -9.92
CA GLU A 90 2.17 9.93 -8.78
C GLU A 90 0.77 10.43 -9.15
N VAL A 91 0.65 11.60 -9.77
CA VAL A 91 -0.66 12.20 -10.17
C VAL A 91 -1.27 11.32 -11.26
N VAL A 92 -0.48 10.88 -12.23
CA VAL A 92 -0.99 10.01 -13.33
C VAL A 92 -1.61 8.76 -12.70
N LEU A 93 -0.87 8.13 -11.80
CA LEU A 93 -1.28 6.82 -11.21
C LEU A 93 -2.52 7.01 -10.33
N LEU A 94 -2.57 8.06 -9.49
CA LEU A 94 -3.76 8.33 -8.64
C LEU A 94 -4.99 8.58 -9.50
N LYS A 95 -4.86 9.34 -10.58
CA LYS A 95 -6.04 9.58 -11.44
C LYS A 95 -6.51 8.26 -12.05
N LYS A 96 -5.58 7.40 -12.47
CA LYS A 96 -5.94 6.09 -13.10
C LYS A 96 -6.72 5.23 -12.12
N VAL A 97 -6.46 5.29 -10.82
CA VAL A 97 -7.15 4.39 -9.84
C VAL A 97 -8.36 5.06 -9.18
N SER A 98 -8.67 6.34 -9.46
CA SER A 98 -9.86 7.03 -8.88
C SER A 98 -11.17 6.43 -9.43
N SER A 99 -12.16 6.27 -8.55
CA SER A 99 -13.46 5.59 -8.83
C SER A 99 -14.26 5.48 -7.53
N GLY A 100 -15.44 4.86 -7.58
CA GLY A 100 -16.25 4.60 -6.38
C GLY A 100 -15.47 3.79 -5.36
N PHE A 101 -14.63 2.86 -5.84
CA PHE A 101 -13.95 1.83 -5.02
C PHE A 101 -13.11 2.53 -3.98
N SER A 102 -13.35 2.22 -2.73
CA SER A 102 -12.81 2.99 -1.60
C SER A 102 -11.52 2.34 -1.07
N GLY A 103 -10.97 1.30 -1.72
CA GLY A 103 -9.77 0.60 -1.18
C GLY A 103 -8.48 1.36 -1.45
N VAL A 104 -8.47 2.31 -2.38
CA VAL A 104 -7.29 3.16 -2.69
C VAL A 104 -7.63 4.60 -2.30
N ILE A 105 -6.65 5.31 -1.79
CA ILE A 105 -6.81 6.75 -1.42
C ILE A 105 -7.25 7.51 -2.68
N ARG A 106 -8.17 8.42 -2.53
CA ARG A 106 -8.69 9.25 -3.64
C ARG A 106 -7.87 10.56 -3.73
N LEU A 107 -7.36 10.90 -4.91
CA LEU A 107 -6.88 12.25 -5.22
C LEU A 107 -8.07 13.18 -5.50
N LEU A 108 -8.23 14.22 -4.71
CA LEU A 108 -9.35 15.21 -4.85
C LEU A 108 -8.92 16.35 -5.77
N ASP A 109 -7.67 16.79 -5.69
CA ASP A 109 -7.20 17.91 -6.53
C ASP A 109 -5.69 17.95 -6.49
N TRP A 110 -5.08 18.77 -7.33
CA TRP A 110 -3.62 18.97 -7.34
C TRP A 110 -3.32 20.35 -7.92
N PHE A 111 -2.15 20.89 -7.57
CA PHE A 111 -1.73 22.25 -7.92
C PHE A 111 -0.25 22.21 -8.23
N GLU A 112 0.17 22.97 -9.22
CA GLU A 112 1.59 23.16 -9.52
C GLU A 112 2.01 24.52 -8.97
N ARG A 113 3.07 24.53 -8.17
CA ARG A 113 3.76 25.74 -7.69
C ARG A 113 5.09 25.85 -8.41
N PRO A 114 5.81 26.99 -8.30
CA PRO A 114 7.09 27.13 -8.98
C PRO A 114 8.09 25.99 -8.70
N ASP A 115 8.20 25.51 -7.47
CA ASP A 115 9.27 24.54 -7.09
C ASP A 115 8.66 23.24 -6.53
N SER A 116 7.33 23.08 -6.58
CA SER A 116 6.65 21.94 -5.93
C SER A 116 5.31 21.63 -6.59
N PHE A 117 4.82 20.41 -6.37
CA PHE A 117 3.40 20.04 -6.58
C PHE A 117 2.73 19.85 -5.23
N VAL A 118 1.45 20.20 -5.17
CA VAL A 118 0.59 19.98 -3.99
C VAL A 118 -0.54 19.05 -4.41
N LEU A 119 -0.71 17.96 -3.68
CA LEU A 119 -1.77 16.95 -3.91
C LEU A 119 -2.76 17.06 -2.78
N ILE A 120 -4.04 17.12 -3.07
CA ILE A 120 -5.11 17.09 -2.04
C ILE A 120 -5.71 15.69 -2.04
N LEU A 121 -5.58 15.01 -0.92
CA LEU A 121 -6.00 13.61 -0.78
C LEU A 121 -7.08 13.49 0.28
N GLU A 122 -7.92 12.49 0.12
CA GLU A 122 -8.88 11.99 1.13
C GLU A 122 -8.12 11.74 2.45
N ARG A 123 -8.75 12.05 3.58
CA ARG A 123 -8.25 11.70 4.92
C ARG A 123 -9.39 11.07 5.69
N PRO A 124 -9.35 9.75 5.95
CA PRO A 124 -10.33 9.13 6.82
C PRO A 124 -10.15 9.68 8.23
N GLU A 125 -11.22 9.66 9.02
CA GLU A 125 -11.22 10.19 10.42
C GLU A 125 -12.35 9.49 11.16
N PRO A 126 -12.07 8.78 12.27
CA PRO A 126 -10.72 8.56 12.77
C PRO A 126 -9.94 7.50 11.96
N VAL A 127 -8.61 7.57 12.04
CA VAL A 127 -7.70 6.77 11.18
C VAL A 127 -6.52 6.30 12.02
N GLN A 128 -5.97 5.14 11.72
CA GLN A 128 -4.64 4.71 12.21
C GLN A 128 -3.95 3.97 11.07
N ASP A 129 -2.66 4.15 10.89
CA ASP A 129 -1.96 3.35 9.86
C ASP A 129 -1.72 1.96 10.42
N LEU A 130 -1.58 0.99 9.53
CA LEU A 130 -1.48 -0.41 9.93
C LEU A 130 -0.16 -0.62 10.67
N PHE A 131 0.92 0.07 10.32
CA PHE A 131 2.19 -0.07 11.08
C PHE A 131 1.92 0.19 12.57
N ASP A 132 1.29 1.31 12.87
CA ASP A 132 1.04 1.76 14.27
C ASP A 132 0.08 0.82 14.98
N PHE A 133 -0.92 0.35 14.28
CA PHE A 133 -1.95 -0.58 14.80
C PHE A 133 -1.26 -1.86 15.28
N ILE A 134 -0.38 -2.43 14.46
CA ILE A 134 0.35 -3.68 14.79
C ILE A 134 1.37 -3.42 15.93
N THR A 135 2.05 -2.29 15.92
CA THR A 135 2.94 -1.90 17.05
C THR A 135 2.14 -1.91 18.35
N GLU A 136 0.96 -1.32 18.37
CA GLU A 136 0.14 -1.16 19.60
C GLU A 136 -0.52 -2.49 19.99
N ARG A 137 -1.03 -3.25 19.03
CA ARG A 137 -1.85 -4.46 19.35
C ARG A 137 -1.00 -5.71 19.31
N GLY A 138 0.22 -5.69 18.75
CA GLY A 138 1.02 -6.91 18.53
C GLY A 138 0.45 -7.75 17.37
N ALA A 139 0.84 -9.02 17.29
CA ALA A 139 0.36 -9.96 16.25
C ALA A 139 -1.16 -9.99 16.25
N LEU A 140 -1.80 -9.89 15.08
CA LEU A 140 -3.27 -9.86 14.96
C LEU A 140 -3.80 -11.29 15.00
N GLN A 141 -5.00 -11.45 15.53
CA GLN A 141 -5.78 -12.69 15.45
C GLN A 141 -6.02 -13.01 13.98
N GLU A 142 -6.01 -14.29 13.63
CA GLU A 142 -6.10 -14.67 12.20
C GLU A 142 -7.37 -14.11 11.57
N GLU A 143 -8.48 -14.06 12.29
CA GLU A 143 -9.74 -13.55 11.72
C GLU A 143 -9.56 -12.08 11.28
N LEU A 144 -8.84 -11.29 12.06
CA LEU A 144 -8.61 -9.86 11.74
C LEU A 144 -7.59 -9.75 10.61
N ALA A 145 -6.51 -10.52 10.66
CA ALA A 145 -5.49 -10.54 9.59
C ALA A 145 -6.16 -10.92 8.25
N ARG A 146 -7.07 -11.89 8.27
CA ARG A 146 -7.77 -12.37 7.07
C ARG A 146 -8.58 -11.21 6.46
N SER A 147 -9.33 -10.49 7.28
CA SER A 147 -10.19 -9.36 6.85
C SER A 147 -9.33 -8.28 6.22
N PHE A 148 -8.24 -7.91 6.89
CA PHE A 148 -7.31 -6.87 6.41
C PHE A 148 -6.62 -7.30 5.12
N PHE A 149 -6.12 -8.52 5.08
CA PHE A 149 -5.36 -9.07 3.93
C PHE A 149 -6.29 -9.18 2.72
N TRP A 150 -7.52 -9.61 2.95
CA TRP A 150 -8.52 -9.67 1.86
C TRP A 150 -8.74 -8.28 1.25
N GLN A 151 -8.94 -7.27 2.08
CA GLN A 151 -9.15 -5.90 1.60
C GLN A 151 -7.92 -5.39 0.83
N VAL A 152 -6.71 -5.70 1.29
CA VAL A 152 -5.48 -5.30 0.57
C VAL A 152 -5.43 -6.00 -0.78
N LEU A 153 -5.77 -7.29 -0.83
CA LEU A 153 -5.81 -7.99 -2.13
C LEU A 153 -6.80 -7.30 -3.09
N GLU A 154 -7.99 -6.98 -2.64
CA GLU A 154 -9.01 -6.29 -3.48
C GLU A 154 -8.44 -4.94 -3.97
N ALA A 155 -7.75 -4.17 -3.11
CA ALA A 155 -7.16 -2.86 -3.51
C ALA A 155 -6.07 -3.06 -4.57
N VAL A 156 -5.22 -4.07 -4.41
CA VAL A 156 -4.11 -4.33 -5.35
C VAL A 156 -4.69 -4.86 -6.68
N ARG A 157 -5.73 -5.68 -6.64
CA ARG A 157 -6.43 -6.09 -7.88
C ARG A 157 -6.96 -4.87 -8.61
N HIS A 158 -7.51 -3.92 -7.89
CA HIS A 158 -8.05 -2.68 -8.50
C HIS A 158 -6.91 -1.94 -9.20
N CYS A 159 -5.79 -1.74 -8.52
CA CYS A 159 -4.62 -1.02 -9.10
C CYS A 159 -4.22 -1.72 -10.41
N HIS A 160 -4.03 -3.02 -10.35
CA HIS A 160 -3.54 -3.80 -11.52
C HIS A 160 -4.57 -3.71 -12.66
N ASN A 161 -5.87 -3.77 -12.34
CA ASN A 161 -6.93 -3.65 -13.38
C ASN A 161 -6.91 -2.26 -14.01
N CYS A 162 -6.44 -1.24 -13.29
CA CYS A 162 -6.35 0.15 -13.78
C CYS A 162 -5.00 0.42 -14.48
N GLY A 163 -4.08 -0.56 -14.57
CA GLY A 163 -2.77 -0.41 -15.23
C GLY A 163 -1.72 0.20 -14.32
N VAL A 164 -1.87 0.07 -13.00
CA VAL A 164 -0.97 0.69 -12.01
C VAL A 164 -0.32 -0.37 -11.12
N LEU A 165 0.99 -0.28 -10.96
CA LEU A 165 1.78 -1.09 -10.03
C LEU A 165 2.20 -0.18 -8.88
N HIS A 166 1.79 -0.49 -7.69
CA HIS A 166 2.08 0.37 -6.50
C HIS A 166 3.58 0.36 -6.12
N ARG A 167 4.17 -0.81 -6.01
CA ARG A 167 5.63 -1.04 -5.76
C ARG A 167 6.05 -0.71 -4.30
N ASP A 168 5.14 -0.39 -3.41
CA ASP A 168 5.54 -0.12 -2.00
C ASP A 168 4.42 -0.59 -1.07
N ILE A 169 3.92 -1.80 -1.29
CA ILE A 169 2.86 -2.36 -0.40
C ILE A 169 3.56 -2.70 0.92
N LYS A 170 3.12 -2.13 2.02
CA LYS A 170 3.65 -2.43 3.37
C LYS A 170 2.70 -1.81 4.38
N ASP A 171 2.83 -2.18 5.64
CA ASP A 171 1.88 -1.75 6.71
C ASP A 171 1.89 -0.20 6.83
N GLU A 172 3.01 0.47 6.62
CA GLU A 172 3.08 1.96 6.74
C GLU A 172 2.23 2.66 5.66
N ASN A 173 1.92 1.96 4.55
CA ASN A 173 1.21 2.54 3.38
C ASN A 173 -0.24 2.08 3.37
N ILE A 174 -0.77 1.61 4.50
CA ILE A 174 -2.17 1.14 4.64
C ILE A 174 -2.82 1.90 5.80
N LEU A 175 -3.88 2.63 5.54
CA LEU A 175 -4.64 3.33 6.59
C LEU A 175 -5.87 2.51 6.93
N ILE A 176 -6.23 2.48 8.21
CA ILE A 176 -7.48 1.85 8.71
C ILE A 176 -8.48 2.96 9.06
N ASP A 177 -9.57 3.01 8.35
CA ASP A 177 -10.80 3.73 8.78
C ASP A 177 -11.43 2.95 9.93
N LEU A 178 -11.19 3.38 11.16
CA LEU A 178 -11.49 2.67 12.41
C LEU A 178 -13.01 2.51 12.61
N ASN A 179 -13.84 3.41 12.07
CA ASN A 179 -15.30 3.35 12.26
C ASN A 179 -15.91 2.43 11.22
N ARG A 180 -15.39 2.42 9.99
CA ARG A 180 -16.00 1.66 8.86
C ARG A 180 -15.29 0.30 8.71
N GLY A 181 -14.12 0.11 9.31
CA GLY A 181 -13.34 -1.12 9.15
C GLY A 181 -12.85 -1.32 7.71
N GLU A 182 -12.63 -0.25 6.98
CA GLU A 182 -12.15 -0.23 5.59
C GLU A 182 -10.69 0.19 5.60
N LEU A 183 -9.84 -0.54 4.86
CA LEU A 183 -8.42 -0.23 4.61
C LEU A 183 -8.28 0.56 3.32
N LYS A 184 -7.31 1.46 3.29
CA LYS A 184 -6.96 2.26 2.08
C LYS A 184 -5.47 2.17 1.83
N LEU A 185 -5.09 1.94 0.61
CA LEU A 185 -3.70 2.00 0.14
C LEU A 185 -3.32 3.45 -0.14
N ILE A 186 -2.19 3.90 0.41
CA ILE A 186 -1.67 5.28 0.18
C ILE A 186 -0.26 5.19 -0.40
N ASP A 187 0.31 6.37 -0.75
CA ASP A 187 1.70 6.60 -1.22
C ASP A 187 1.97 5.86 -2.55
N PHE A 188 1.43 6.37 -3.64
CA PHE A 188 1.68 5.88 -5.02
C PHE A 188 2.90 6.55 -5.66
N GLY A 189 3.72 7.24 -4.88
CA GLY A 189 4.79 8.09 -5.42
C GLY A 189 6.01 7.30 -5.90
N SER A 190 6.13 6.02 -5.57
CA SER A 190 7.19 5.13 -6.09
C SER A 190 6.60 4.09 -7.06
N GLY A 191 5.36 4.26 -7.46
CA GLY A 191 4.68 3.31 -8.36
C GLY A 191 5.07 3.50 -9.81
N ALA A 192 4.45 2.73 -10.70
CA ALA A 192 4.77 2.74 -12.13
C ALA A 192 3.55 2.31 -12.90
N LEU A 193 3.46 2.65 -14.17
CA LEU A 193 2.55 1.93 -15.08
C LEU A 193 2.89 0.42 -15.04
N LEU A 194 1.88 -0.42 -14.97
CA LEU A 194 2.01 -1.89 -14.99
C LEU A 194 2.38 -2.34 -16.42
N LYS A 195 3.39 -3.18 -16.55
CA LYS A 195 3.83 -3.74 -17.85
C LYS A 195 4.20 -5.20 -17.62
N ASP A 196 4.33 -5.95 -18.70
CA ASP A 196 4.61 -7.42 -18.68
C ASP A 196 6.11 -7.70 -18.86
N THR A 197 6.93 -6.67 -19.11
CA THR A 197 8.39 -6.76 -19.34
C THR A 197 9.11 -6.43 -18.03
N VAL A 198 10.43 -6.58 -17.99
CA VAL A 198 11.22 -6.55 -16.73
C VAL A 198 11.32 -5.10 -16.21
N TYR A 199 11.26 -4.92 -14.88
CA TYR A 199 11.62 -3.66 -14.19
C TYR A 199 13.08 -3.78 -13.71
N THR A 200 13.88 -2.75 -13.94
CA THR A 200 15.30 -2.70 -13.51
C THR A 200 15.54 -1.50 -12.60
N ASP A 201 14.47 -0.85 -12.17
CA ASP A 201 14.48 0.29 -11.21
C ASP A 201 13.55 -0.08 -10.05
N PHE A 202 13.93 0.30 -8.83
CA PHE A 202 13.10 0.07 -7.63
C PHE A 202 13.46 1.12 -6.58
N ASP A 203 12.45 1.85 -6.06
CA ASP A 203 12.63 2.88 -5.00
C ASP A 203 11.49 2.72 -3.97
N GLY A 204 11.02 1.49 -3.74
CA GLY A 204 10.12 1.14 -2.62
C GLY A 204 10.91 0.79 -1.36
N THR A 205 10.41 -0.11 -0.51
CA THR A 205 11.03 -0.46 0.79
C THR A 205 11.85 -1.76 0.63
N ARG A 206 13.18 -1.71 0.92
CA ARG A 206 14.13 -2.84 0.67
C ARG A 206 13.64 -4.16 1.30
N VAL A 207 13.16 -4.11 2.53
CA VAL A 207 12.86 -5.34 3.31
C VAL A 207 11.55 -5.91 2.84
N TYR A 208 10.82 -5.25 1.92
CA TYR A 208 9.57 -5.81 1.31
C TYR A 208 9.87 -6.17 -0.16
N SER A 209 11.14 -5.99 -0.56
CA SER A 209 11.63 -6.23 -1.94
C SER A 209 12.05 -7.70 -2.11
N PRO A 210 11.87 -8.26 -3.30
CA PRO A 210 12.05 -9.67 -3.47
C PRO A 210 13.48 -10.09 -3.77
N PRO A 211 13.77 -11.38 -3.64
CA PRO A 211 15.12 -11.89 -3.82
C PRO A 211 15.68 -11.70 -5.24
N GLU A 212 14.83 -11.67 -6.26
CA GLU A 212 15.29 -11.43 -7.65
C GLU A 212 15.80 -9.99 -7.75
N TRP A 213 15.25 -9.04 -7.01
CA TRP A 213 15.75 -7.62 -6.97
C TRP A 213 17.11 -7.57 -6.26
N ILE A 214 17.19 -8.19 -5.09
CA ILE A 214 18.43 -8.27 -4.26
C ILE A 214 19.55 -8.88 -5.11
N ARG A 215 19.31 -9.98 -5.82
CA ARG A 215 20.35 -10.77 -6.52
C ARG A 215 20.66 -10.17 -7.90
N TYR A 216 19.66 -9.72 -8.66
CA TYR A 216 19.82 -9.45 -10.12
C TYR A 216 19.37 -8.05 -10.50
N HIS A 217 18.83 -7.25 -9.60
CA HIS A 217 18.32 -5.91 -9.96
C HIS A 217 17.30 -6.06 -11.12
N ARG A 218 16.51 -7.14 -11.11
CA ARG A 218 15.42 -7.39 -12.10
C ARG A 218 14.20 -7.95 -11.35
N TYR A 219 13.01 -7.52 -11.71
CA TYR A 219 11.76 -8.16 -11.23
C TYR A 219 10.65 -7.94 -12.25
N HIS A 220 9.59 -8.75 -12.14
CA HIS A 220 8.32 -8.55 -12.88
C HIS A 220 7.26 -8.10 -11.89
N GLY A 221 6.33 -7.29 -12.34
CA GLY A 221 5.45 -6.52 -11.43
C GLY A 221 4.61 -7.42 -10.55
N ARG A 222 3.90 -8.35 -11.14
CA ARG A 222 2.90 -9.15 -10.42
C ARG A 222 3.57 -10.02 -9.37
N SER A 223 4.62 -10.73 -9.75
CA SER A 223 5.30 -11.69 -8.86
C SER A 223 6.06 -10.92 -7.75
N ALA A 224 6.55 -9.70 -8.02
CA ALA A 224 7.17 -8.86 -6.97
C ALA A 224 6.07 -8.32 -6.02
N ALA A 225 4.86 -8.03 -6.52
CA ALA A 225 3.74 -7.59 -5.65
C ALA A 225 3.36 -8.73 -4.68
N VAL A 226 3.33 -9.98 -5.18
CA VAL A 226 2.92 -11.15 -4.36
C VAL A 226 3.96 -11.37 -3.26
N TRP A 227 5.25 -11.20 -3.57
CA TRP A 227 6.30 -11.24 -2.52
C TRP A 227 5.95 -10.24 -1.41
N SER A 228 5.70 -8.98 -1.78
CA SER A 228 5.44 -7.92 -0.78
C SER A 228 4.17 -8.27 0.04
N LEU A 229 3.22 -8.98 -0.55
CA LEU A 229 1.99 -9.40 0.16
C LEU A 229 2.30 -10.53 1.16
N GLY A 230 3.21 -11.45 0.82
CA GLY A 230 3.71 -12.46 1.77
C GLY A 230 4.38 -11.79 2.99
N ILE A 231 5.21 -10.77 2.77
CA ILE A 231 5.90 -10.05 3.86
C ILE A 231 4.82 -9.40 4.74
N LEU A 232 3.83 -8.77 4.12
CA LEU A 232 2.73 -8.08 4.85
C LEU A 232 1.92 -9.07 5.67
N LEU A 233 1.57 -10.23 5.10
CA LEU A 233 0.75 -11.19 5.86
C LEU A 233 1.57 -11.74 7.05
N TYR A 234 2.83 -12.06 6.87
CA TYR A 234 3.71 -12.48 8.00
C TYR A 234 3.70 -11.37 9.08
N ASP A 235 3.91 -10.13 8.67
CA ASP A 235 3.91 -8.93 9.55
C ASP A 235 2.63 -8.88 10.38
N MET A 236 1.49 -9.16 9.80
CA MET A 236 0.20 -9.11 10.51
C MET A 236 0.11 -10.25 11.51
N VAL A 237 0.45 -11.47 11.15
CA VAL A 237 0.18 -12.63 12.05
C VAL A 237 1.33 -12.84 13.01
N CYS A 238 2.52 -12.30 12.73
CA CYS A 238 3.71 -12.48 13.63
C CYS A 238 4.07 -11.19 14.41
N GLY A 239 3.58 -10.02 13.99
CA GLY A 239 3.82 -8.74 14.66
C GLY A 239 5.04 -8.03 14.16
N ASP A 240 5.81 -8.59 13.23
CA ASP A 240 6.92 -7.88 12.57
C ASP A 240 7.31 -8.65 11.30
N ILE A 241 8.11 -8.03 10.46
CA ILE A 241 8.53 -8.57 9.14
C ILE A 241 9.51 -9.71 9.36
N PRO A 242 9.56 -10.67 8.43
CA PRO A 242 10.31 -11.91 8.63
C PRO A 242 11.83 -11.75 8.43
N PHE A 243 12.27 -10.81 7.60
CA PHE A 243 13.68 -10.69 7.17
C PHE A 243 14.17 -9.26 7.43
N GLU A 244 15.41 -9.15 7.89
CA GLU A 244 16.09 -7.85 8.15
C GLU A 244 17.23 -7.63 7.13
N HIS A 245 18.01 -8.67 6.83
CA HIS A 245 19.22 -8.58 5.98
C HIS A 245 19.01 -9.23 4.61
N ASP A 246 19.79 -8.78 3.62
CA ASP A 246 19.87 -9.35 2.24
C ASP A 246 19.95 -10.88 2.26
N GLU A 247 20.78 -11.48 3.11
CA GLU A 247 21.03 -12.95 3.13
C GLU A 247 19.79 -13.72 3.58
N GLU A 248 18.99 -13.14 4.46
CA GLU A 248 17.71 -13.79 4.89
C GLU A 248 16.73 -13.76 3.70
N ILE A 249 16.61 -12.62 3.02
CA ILE A 249 15.67 -12.47 1.86
C ILE A 249 15.96 -13.56 0.84
N ILE A 250 17.23 -13.83 0.54
CA ILE A 250 17.54 -14.79 -0.57
C ILE A 250 17.61 -16.22 -0.05
N GLY A 251 17.58 -16.45 1.26
CA GLY A 251 17.91 -17.76 1.88
C GLY A 251 16.85 -18.87 1.68
N GLY A 252 15.58 -18.53 1.55
CA GLY A 252 14.53 -19.53 1.23
C GLY A 252 13.92 -20.21 2.46
N GLN A 253 14.07 -19.59 3.66
CA GLN A 253 13.58 -20.11 4.97
C GLN A 253 12.69 -19.07 5.66
N VAL A 254 11.50 -19.48 6.04
CA VAL A 254 10.58 -18.67 6.86
C VAL A 254 10.45 -19.36 8.21
N PHE A 255 10.85 -18.71 9.29
CA PHE A 255 10.65 -19.20 10.67
C PHE A 255 9.44 -18.47 11.26
N PHE A 256 8.50 -19.17 11.86
CA PHE A 256 7.32 -18.58 12.51
C PHE A 256 7.60 -18.38 13.98
N ARG A 257 7.58 -17.13 14.42
CA ARG A 257 7.89 -16.70 15.80
C ARG A 257 6.62 -16.67 16.68
N GLN A 258 5.44 -16.77 16.11
CA GLN A 258 4.18 -16.88 16.86
C GLN A 258 3.44 -18.14 16.39
N ARG A 259 2.40 -18.51 17.09
CA ARG A 259 1.52 -19.61 16.70
C ARG A 259 0.73 -19.15 15.49
N VAL A 260 0.92 -19.81 14.35
CA VAL A 260 0.19 -19.52 13.09
C VAL A 260 -0.35 -20.86 12.56
N SER A 261 -1.63 -20.90 12.15
CA SER A 261 -2.28 -22.11 11.60
C SER A 261 -1.44 -22.66 10.43
N SER A 262 -1.55 -23.95 10.18
CA SER A 262 -0.82 -24.60 9.08
C SER A 262 -1.27 -24.03 7.72
N GLU A 263 -2.54 -23.68 7.58
CA GLU A 263 -3.08 -23.10 6.33
C GLU A 263 -2.46 -21.71 6.11
N CYS A 264 -2.39 -20.90 7.14
CA CYS A 264 -1.82 -19.53 7.01
C CYS A 264 -0.30 -19.64 6.69
N GLN A 265 0.42 -20.55 7.36
CA GLN A 265 1.86 -20.74 7.09
C GLN A 265 2.05 -21.13 5.62
N HIS A 266 1.19 -22.00 5.11
CA HIS A 266 1.24 -22.48 3.71
C HIS A 266 1.12 -21.30 2.74
N LEU A 267 0.12 -20.44 2.95
CA LEU A 267 -0.10 -19.26 2.08
C LEU A 267 1.14 -18.36 2.12
N ILE A 268 1.66 -18.07 3.31
CA ILE A 268 2.81 -17.17 3.46
C ILE A 268 4.01 -17.76 2.72
N ARG A 269 4.34 -19.01 2.96
CA ARG A 269 5.52 -19.66 2.32
C ARG A 269 5.35 -19.70 0.80
N TRP A 270 4.13 -19.80 0.30
CA TRP A 270 3.83 -19.79 -1.15
C TRP A 270 4.07 -18.37 -1.75
N CYS A 271 3.57 -17.33 -1.11
CA CYS A 271 3.85 -15.92 -1.50
C CYS A 271 5.35 -15.64 -1.46
N LEU A 272 6.08 -16.26 -0.54
CA LEU A 272 7.54 -15.99 -0.38
C LEU A 272 8.39 -17.08 -1.05
N ALA A 273 7.89 -17.72 -2.08
CA ALA A 273 8.68 -18.67 -2.88
C ALA A 273 9.86 -17.92 -3.47
N LEU A 274 11.06 -18.50 -3.41
CA LEU A 274 12.29 -17.88 -3.94
C LEU A 274 12.14 -17.60 -5.44
N ARG A 275 11.61 -18.55 -6.19
CA ARG A 275 11.49 -18.36 -7.65
C ARG A 275 10.19 -17.64 -7.93
N PRO A 276 10.20 -16.49 -8.65
CA PRO A 276 8.99 -15.72 -8.90
C PRO A 276 7.88 -16.54 -9.55
N SER A 277 8.21 -17.44 -10.49
CA SER A 277 7.18 -18.25 -11.20
C SER A 277 6.57 -19.34 -10.29
N ASP A 278 7.05 -19.53 -9.07
CA ASP A 278 6.49 -20.49 -8.09
C ASP A 278 5.46 -19.79 -7.14
N ARG A 279 5.31 -18.48 -7.24
CA ARG A 279 4.40 -17.69 -6.36
C ARG A 279 2.97 -17.79 -6.90
N PRO A 280 1.95 -17.72 -6.04
CA PRO A 280 0.57 -17.74 -6.49
C PRO A 280 0.19 -16.47 -7.27
N THR A 281 -0.82 -16.60 -8.14
CA THR A 281 -1.55 -15.43 -8.71
C THR A 281 -2.48 -14.83 -7.63
N PHE A 282 -2.99 -13.61 -7.86
CA PHE A 282 -4.02 -13.02 -6.97
C PHE A 282 -5.21 -13.98 -6.85
N GLU A 283 -5.64 -14.59 -7.94
CA GLU A 283 -6.74 -15.59 -7.93
C GLU A 283 -6.42 -16.75 -7.00
N GLU A 284 -5.20 -17.30 -7.05
CA GLU A 284 -4.81 -18.45 -6.22
C GLU A 284 -4.76 -18.03 -4.75
N ILE A 285 -4.36 -16.80 -4.45
CA ILE A 285 -4.40 -16.31 -3.04
C ILE A 285 -5.84 -16.25 -2.56
N GLN A 286 -6.72 -15.64 -3.32
CA GLN A 286 -8.10 -15.42 -2.87
C GLN A 286 -8.88 -16.74 -2.82
N ASN A 287 -8.44 -17.77 -3.50
CA ASN A 287 -9.08 -19.12 -3.48
C ASN A 287 -8.43 -19.99 -2.42
N HIS A 288 -7.35 -19.56 -1.80
CA HIS A 288 -6.65 -20.37 -0.76
C HIS A 288 -7.63 -20.69 0.37
N PRO A 289 -7.59 -21.91 0.96
CA PRO A 289 -8.45 -22.27 2.09
C PRO A 289 -8.36 -21.33 3.29
N TRP A 290 -7.19 -20.76 3.59
CA TRP A 290 -7.06 -19.80 4.72
C TRP A 290 -7.93 -18.57 4.47
N MET A 291 -8.20 -18.22 3.21
CA MET A 291 -8.86 -16.94 2.87
C MET A 291 -10.39 -17.08 2.86
N GLN A 292 -10.92 -18.24 3.18
CA GLN A 292 -12.38 -18.48 3.06
C GLN A 292 -13.09 -17.86 4.29
N ASP A 293 -14.36 -17.46 4.13
CA ASP A 293 -15.25 -16.98 5.23
C ASP A 293 -14.77 -15.63 5.81
N VAL A 294 -14.35 -14.70 4.97
CA VAL A 294 -13.87 -13.37 5.41
C VAL A 294 -15.02 -12.64 6.10
N LEU A 295 -14.70 -11.83 7.10
CA LEU A 295 -15.65 -10.87 7.71
C LEU A 295 -15.89 -9.73 6.72
N LEU A 296 -17.08 -9.13 6.77
CA LEU A 296 -17.39 -7.84 6.09
C LEU A 296 -16.65 -6.72 6.84
N PRO A 297 -16.34 -5.60 6.16
CA PRO A 297 -15.75 -4.44 6.85
C PRO A 297 -16.48 -4.01 8.12
N GLN A 298 -17.81 -3.91 8.06
CA GLN A 298 -18.63 -3.43 9.20
C GLN A 298 -18.51 -4.44 10.36
N GLU A 299 -18.47 -5.74 10.10
CA GLU A 299 -18.32 -6.76 11.17
C GLU A 299 -16.91 -6.64 11.79
N THR A 300 -15.90 -6.44 10.95
CA THR A 300 -14.51 -6.24 11.38
C THR A 300 -14.46 -5.06 12.36
N ALA A 301 -15.07 -3.96 12.03
CA ALA A 301 -15.07 -2.75 12.90
C ALA A 301 -15.77 -3.11 14.24
N GLU A 302 -16.91 -3.79 14.20
CA GLU A 302 -17.71 -4.05 15.43
C GLU A 302 -16.94 -5.01 16.34
N ILE A 303 -16.39 -6.08 15.79
CA ILE A 303 -15.70 -7.13 16.58
C ILE A 303 -14.32 -6.64 17.04
N HIS A 304 -13.55 -5.97 16.18
CA HIS A 304 -12.08 -5.83 16.41
C HIS A 304 -11.69 -4.40 16.65
N LEU A 305 -12.42 -3.42 16.15
CA LEU A 305 -11.95 -2.02 16.16
C LEU A 305 -12.75 -1.16 17.17
N HIS A 306 -14.03 -1.46 17.42
CA HIS A 306 -14.96 -0.57 18.18
C HIS A 306 -14.84 -0.88 19.66
#